data_5FZM
#
_entry.id   5FZM
#
_cell.length_a   141.880
_cell.length_b   141.880
_cell.length_c   151.610
_cell.angle_alpha   90.00
_cell.angle_beta   90.00
_cell.angle_gamma   120.00
#
_symmetry.space_group_name_H-M   'P 65 2 2'
#
loop_
_entity.id
_entity.type
_entity.pdbx_description
1 polymer 'LYSINE-SPECIFIC DEMETHYLASE 5B, LYSINE-SPECIFIC DEMETHYLASE 5B'
2 non-polymer 'ZINC ION'
3 non-polymer 'DIMETHYL SULFOXIDE'
4 non-polymer 'MANGANESE (II) ION'
5 non-polymer 1,2-ETHANEDIOL
6 non-polymer '5-(2-fluorophenyl)-1,3-oxazole-4-carboxylic acid'
7 non-polymer 'CHLORIDE ION'
8 non-polymer 'PHOSPHATE ION'
9 water water
#
_entity_poly.entity_id   1
_entity_poly.type   'polypeptide(L)'
_entity_poly.pdbx_seq_one_letter_code
;SMFLPPPECPVFEPSWEEFADPFAFIHKIRPIAEQTGICKVRPPPDWQPPFACDVDKLHFTPRIQRLNELEAQTRVKLGG
GGASDYTLRTFGEMADAFKSDYFNMPVHMVPTELVEKEFWRLVSTIEEDVTVEYGADIASKEFGSGFPVRDGKIKLSPEE
EEYLDSGWNLNNMPVMEQSVLAHITADICGMKLPWLYVGMCFSSFCWHIEDHWSYSINYLHWGEPKTWYGVPGYAAEQLE
NVMKKLAPELFVSQPDLLHQLVTIMNPNTLMTHEVPVYRTNQCAGEFVITFPRAYHSGFNQGFNFAEAVNFCTVDWLPLG
RQCVEHYRLLHRYCVFSHDEMICKMASKADVLDVVVASTVQKDMAIMIEDEKALRETVRKLGVIDSERMDFELLPDDERQ
CVKCKTTCFMSAISCSCKPGLLVCLHHVKELCSCPPYKYKLRYRYTLDDLYPMMNALKLRAESYNEWALNVNEALEAKI
;
_entity_poly.pdbx_strand_id   A
#
loop_
_chem_comp.id
_chem_comp.type
_chem_comp.name
_chem_comp.formula
CL non-polymer 'CHLORIDE ION' 'Cl -1'
DMS non-polymer 'DIMETHYL SULFOXIDE' 'C2 H6 O S'
EDO non-polymer 1,2-ETHANEDIOL 'C2 H6 O2'
MN non-polymer 'MANGANESE (II) ION' 'Mn 2'
P60 non-polymer '5-(2-fluorophenyl)-1,3-oxazole-4-carboxylic acid' 'C10 H6 F N O3'
PO4 non-polymer 'PHOSPHATE ION' 'O4 P -3'
ZN non-polymer 'ZINC ION' 'Zn 2'
#
# COMPACT_ATOMS: atom_id res chain seq x y z
N SER A 1 7.81 -32.25 -0.45
CA SER A 1 6.67 -33.13 -0.26
C SER A 1 5.55 -32.39 0.46
N MET A 2 4.35 -32.44 -0.11
CA MET A 2 3.25 -31.60 0.34
C MET A 2 3.71 -30.13 0.43
N PHE A 3 4.39 -29.71 1.51
CA PHE A 3 4.83 -28.30 1.56
C PHE A 3 6.30 -28.07 1.93
N LEU A 4 7.04 -27.49 1.00
CA LEU A 4 8.42 -27.07 1.24
C LEU A 4 8.47 -25.56 1.54
N PRO A 5 8.76 -25.19 2.79
CA PRO A 5 8.84 -23.78 3.18
C PRO A 5 9.86 -23.01 2.36
N PRO A 6 9.49 -21.81 1.88
CA PRO A 6 10.47 -21.01 1.15
C PRO A 6 11.62 -20.59 2.07
N PRO A 7 12.74 -20.17 1.49
CA PRO A 7 13.85 -19.71 2.35
C PRO A 7 13.44 -18.51 3.20
N GLU A 8 14.02 -18.39 4.40
CA GLU A 8 13.72 -17.24 5.25
C GLU A 8 14.17 -15.90 4.63
N CYS A 9 13.37 -14.87 4.81
CA CYS A 9 13.73 -13.52 4.39
C CYS A 9 14.75 -12.94 5.37
N PRO A 10 15.42 -11.83 5.02
CA PRO A 10 16.38 -11.19 5.94
C PRO A 10 15.74 -10.71 7.24
N VAL A 11 16.47 -10.82 8.35
CA VAL A 11 16.01 -10.31 9.63
C VAL A 11 17.04 -9.34 10.13
N PHE A 12 16.60 -8.15 10.53
CA PHE A 12 17.54 -7.12 10.97
C PHE A 12 17.37 -6.82 12.44
N GLU A 13 18.51 -6.61 13.10
CA GLU A 13 18.56 -6.16 14.49
C GLU A 13 19.40 -4.89 14.59
N PRO A 14 18.76 -3.74 14.36
CA PRO A 14 19.44 -2.45 14.49
C PRO A 14 19.77 -2.11 15.94
N SER A 15 20.96 -1.55 16.17
CA SER A 15 21.30 -0.93 17.45
C SER A 15 20.46 0.32 17.62
N TRP A 16 20.39 0.88 18.83
N TRP A 16 20.41 0.86 18.84
CA TRP A 16 19.54 2.04 19.04
CA TRP A 16 19.62 2.06 19.11
C TRP A 16 19.97 3.22 18.16
C TRP A 16 19.98 3.19 18.17
N GLU A 17 21.25 3.25 17.79
CA GLU A 17 21.73 4.32 16.90
C GLU A 17 21.15 4.17 15.48
N GLU A 18 21.29 2.99 14.88
CA GLU A 18 20.72 2.72 13.55
C GLU A 18 19.20 2.85 13.57
N PHE A 19 18.60 2.40 14.66
CA PHE A 19 17.16 2.34 14.82
C PHE A 19 16.56 3.73 14.98
N ALA A 20 17.38 4.68 15.38
CA ALA A 20 16.93 6.05 15.67
C ALA A 20 16.09 6.64 14.54
N ASP A 21 16.64 6.71 13.33
CA ASP A 21 15.85 7.17 12.18
C ASP A 21 15.38 6.00 11.31
N PRO A 22 14.05 5.79 11.27
CA PRO A 22 13.49 4.72 10.45
C PRO A 22 13.82 4.86 8.98
N PHE A 23 13.77 6.08 8.44
CA PHE A 23 13.99 6.26 7.00
C PHE A 23 15.44 6.02 6.64
N ALA A 24 16.34 6.42 7.53
CA ALA A 24 17.75 6.18 7.32
C ALA A 24 18.03 4.67 7.33
N PHE A 25 17.40 3.98 8.28
CA PHE A 25 17.62 2.56 8.43
C PHE A 25 17.13 1.77 7.22
N ILE A 26 15.91 2.08 6.79
CA ILE A 26 15.33 1.43 5.63
C ILE A 26 16.22 1.63 4.40
N HIS A 27 16.74 2.84 4.24
CA HIS A 27 17.61 3.13 3.11
C HIS A 27 18.89 2.31 3.21
N LYS A 28 19.37 2.05 4.43
CA LYS A 28 20.57 1.24 4.61
C LYS A 28 20.32 -0.21 4.16
N ILE A 29 19.25 -0.82 4.65
CA ILE A 29 18.97 -2.24 4.36
C ILE A 29 18.42 -2.49 2.95
N ARG A 30 17.99 -1.42 2.29
CA ARG A 30 17.31 -1.51 1.00
C ARG A 30 18.00 -2.39 -0.07
N PRO A 31 19.32 -2.28 -0.26
CA PRO A 31 19.92 -3.14 -1.29
C PRO A 31 19.77 -4.62 -0.99
N ILE A 32 19.80 -4.98 0.29
CA ILE A 32 19.53 -6.36 0.72
C ILE A 32 18.05 -6.72 0.56
N ALA A 33 17.20 -6.00 1.30
CA ALA A 33 15.79 -6.35 1.40
C ALA A 33 15.01 -6.27 0.07
N GLU A 34 15.46 -5.45 -0.88
CA GLU A 34 14.70 -5.31 -2.10
C GLU A 34 14.92 -6.53 -3.01
N GLN A 35 15.87 -7.38 -2.63
CA GLN A 35 16.15 -8.63 -3.33
C GLN A 35 15.21 -9.73 -2.86
N THR A 36 14.57 -9.50 -1.71
CA THR A 36 13.66 -10.47 -1.14
C THR A 36 12.23 -9.98 -1.03
N GLY A 37 12.02 -8.67 -1.18
CA GLY A 37 10.66 -8.12 -1.17
C GLY A 37 10.17 -7.75 0.23
N ILE A 38 10.20 -8.71 1.15
CA ILE A 38 9.92 -8.43 2.56
C ILE A 38 11.21 -8.58 3.37
N CYS A 39 11.20 -8.01 4.57
CA CYS A 39 12.27 -8.26 5.52
C CYS A 39 11.68 -8.04 6.90
N LYS A 40 12.36 -8.53 7.92
CA LYS A 40 11.84 -8.38 9.27
C LYS A 40 12.80 -7.50 10.06
N VAL A 41 12.24 -6.70 10.97
CA VAL A 41 13.05 -5.80 11.80
C VAL A 41 12.75 -6.01 13.26
N ARG A 42 13.77 -6.43 14.01
CA ARG A 42 13.67 -6.57 15.46
C ARG A 42 14.16 -5.31 16.17
N PRO A 43 13.24 -4.57 16.80
CA PRO A 43 13.61 -3.40 17.60
C PRO A 43 14.62 -3.79 18.69
N PRO A 44 15.45 -2.84 19.13
CA PRO A 44 16.26 -3.01 20.34
C PRO A 44 15.37 -3.44 21.50
N PRO A 45 15.92 -4.26 22.43
CA PRO A 45 15.15 -4.99 23.45
C PRO A 45 14.35 -4.11 24.42
N ASP A 46 14.86 -2.90 24.65
CA ASP A 46 14.23 -1.94 25.55
C ASP A 46 13.20 -1.05 24.85
N TRP A 47 13.25 -1.01 23.52
CA TRP A 47 12.17 -0.40 22.74
C TRP A 47 10.94 -1.29 22.90
N GLN A 48 10.07 -0.90 23.81
CA GLN A 48 8.90 -1.69 24.19
C GLN A 48 7.73 -0.76 24.41
N PRO A 49 7.05 -0.39 23.32
CA PRO A 49 5.90 0.52 23.40
C PRO A 49 4.81 -0.08 24.25
N PRO A 50 4.25 0.73 25.14
CA PRO A 50 3.21 0.24 26.03
C PRO A 50 1.96 -0.08 25.22
N PHE A 51 1.50 -1.33 25.30
CA PHE A 51 0.19 -1.59 24.77
C PHE A 51 -0.82 -1.63 25.92
N ALA A 52 -1.75 -0.69 25.89
CA ALA A 52 -2.83 -0.67 26.87
C ALA A 52 -4.16 -0.58 26.15
N CYS A 53 -5.05 -1.49 26.51
CA CYS A 53 -6.43 -1.50 26.02
C CYS A 53 -7.33 -2.36 26.91
N ASP A 54 -8.61 -1.97 26.97
CA ASP A 54 -9.64 -2.78 27.60
C ASP A 54 -10.32 -3.62 26.52
N VAL A 55 -10.25 -4.93 26.69
CA VAL A 55 -10.73 -5.86 25.69
C VAL A 55 -12.25 -5.87 25.60
N ASP A 56 -12.92 -5.21 26.54
CA ASP A 56 -14.38 -5.26 26.60
C ASP A 56 -15.05 -4.06 25.93
N LYS A 57 -14.32 -2.96 25.78
CA LYS A 57 -14.92 -1.76 25.21
C LYS A 57 -14.61 -1.60 23.73
N LEU A 58 -13.50 -2.20 23.29
CA LEU A 58 -13.16 -2.23 21.88
C LEU A 58 -14.10 -3.17 21.11
N HIS A 59 -14.94 -2.61 20.23
CA HIS A 59 -15.86 -3.36 19.36
CA HIS A 59 -15.73 -3.47 19.36
C HIS A 59 -15.39 -3.24 17.89
N PHE A 60 -15.66 -4.26 17.07
CA PHE A 60 -15.46 -4.16 15.62
C PHE A 60 -16.35 -5.17 14.89
N THR A 61 -16.58 -4.90 13.61
CA THR A 61 -17.41 -5.79 12.82
C THR A 61 -16.52 -6.77 12.07
N PRO A 62 -16.76 -8.06 12.26
CA PRO A 62 -15.89 -9.08 11.65
C PRO A 62 -16.14 -9.26 10.16
N ARG A 63 -15.10 -9.55 9.41
CA ARG A 63 -15.22 -9.95 8.02
C ARG A 63 -15.08 -11.49 7.95
N ILE A 64 -15.94 -12.12 7.15
CA ILE A 64 -15.93 -13.58 7.00
C ILE A 64 -15.05 -13.98 5.81
N GLN A 65 -14.36 -15.09 5.95
CA GLN A 65 -13.38 -15.47 4.95
C GLN A 65 -13.39 -16.97 4.70
N ARG A 66 -13.62 -17.35 3.43
CA ARG A 66 -13.51 -18.75 3.00
C ARG A 66 -12.09 -19.06 2.53
N LEU A 67 -11.61 -20.26 2.86
CA LEU A 67 -10.20 -20.54 2.63
C LEU A 67 -9.97 -21.52 1.47
N ASN A 68 -10.09 -21.02 0.25
CA ASN A 68 -9.87 -21.84 -0.94
C ASN A 68 -8.84 -21.26 -1.86
N GLU A 69 -7.81 -22.03 -2.14
CA GLU A 69 -6.78 -21.64 -3.08
C GLU A 69 -7.36 -21.30 -4.45
N LEU A 70 -6.95 -20.15 -4.98
CA LEU A 70 -7.25 -19.69 -6.34
C LEU A 70 -8.68 -19.16 -6.51
N GLU A 71 -9.44 -19.21 -5.43
CA GLU A 71 -10.78 -18.61 -5.39
C GLU A 71 -10.63 -17.10 -5.21
N ALA A 72 -11.38 -16.32 -5.99
CA ALA A 72 -11.30 -14.86 -5.90
C ALA A 72 -11.88 -14.35 -4.58
N GLN A 73 -11.17 -13.40 -3.98
CA GLN A 73 -11.71 -12.67 -2.84
C GLN A 73 -11.59 -11.18 -3.15
N THR A 74 -12.47 -10.38 -2.56
CA THR A 74 -12.46 -8.95 -2.81
C THR A 74 -11.55 -8.27 -1.80
N ARG A 75 -10.85 -7.23 -2.21
CA ARG A 75 -9.96 -6.53 -1.31
C ARG A 75 -10.80 -5.73 -0.31
N VAL A 76 -10.40 -5.81 0.96
CA VAL A 76 -11.29 -5.55 2.10
C VAL A 76 -12.20 -4.31 2.00
N LYS A 77 -11.65 -3.15 1.70
CA LYS A 77 -12.46 -1.92 1.60
C LYS A 77 -13.35 -1.68 2.83
N SER A 84 -22.41 -10.89 14.62
CA SER A 84 -22.00 -9.94 13.59
C SER A 84 -21.45 -8.66 14.22
N ASP A 85 -21.02 -8.77 15.48
CA ASP A 85 -20.20 -7.75 16.12
C ASP A 85 -19.47 -8.32 17.35
N TYR A 86 -18.17 -8.06 17.42
CA TYR A 86 -17.32 -8.66 18.47
C TYR A 86 -16.67 -7.62 19.35
N THR A 87 -16.54 -7.90 20.64
CA THR A 87 -15.53 -7.16 21.41
C THR A 87 -14.23 -7.94 21.23
N LEU A 88 -13.12 -7.27 21.50
CA LEU A 88 -11.81 -7.91 21.44
C LEU A 88 -11.77 -9.17 22.32
N ARG A 89 -12.49 -9.15 23.45
CA ARG A 89 -12.53 -10.34 24.28
C ARG A 89 -13.37 -11.46 23.65
N THR A 90 -14.60 -11.16 23.22
CA THR A 90 -15.44 -12.21 22.64
C THR A 90 -14.80 -12.82 21.39
N PHE A 91 -14.07 -12.01 20.62
CA PHE A 91 -13.38 -12.50 19.43
C PHE A 91 -12.25 -13.42 19.84
N GLY A 92 -11.44 -12.94 20.79
CA GLY A 92 -10.34 -13.71 21.33
C GLY A 92 -10.78 -15.05 21.89
N GLU A 93 -11.97 -15.08 22.47
CA GLU A 93 -12.55 -16.31 22.99
C GLU A 93 -12.95 -17.23 21.83
N MET A 94 -13.54 -16.66 20.80
CA MET A 94 -13.94 -17.44 19.63
C MET A 94 -12.69 -18.01 18.95
N ALA A 95 -11.69 -17.17 18.75
CA ALA A 95 -10.47 -17.52 18.03
C ALA A 95 -9.62 -18.61 18.73
N ASP A 96 -9.53 -18.51 20.05
CA ASP A 96 -8.76 -19.47 20.83
C ASP A 96 -9.49 -20.81 20.89
N ALA A 97 -10.81 -20.76 21.09
CA ALA A 97 -11.63 -21.96 21.04
C ALA A 97 -11.53 -22.66 19.67
N PHE A 98 -11.57 -21.88 18.58
CA PHE A 98 -11.39 -22.43 17.24
C PHE A 98 -10.07 -23.19 17.04
N LYS A 99 -8.94 -22.55 17.34
CA LYS A 99 -7.64 -23.18 17.14
C LYS A 99 -7.48 -24.42 18.01
N SER A 100 -7.90 -24.29 19.27
CA SER A 100 -7.82 -25.36 20.26
C SER A 100 -8.64 -26.59 19.82
N ASP A 101 -9.83 -26.35 19.27
CA ASP A 101 -10.69 -27.43 18.77
C ASP A 101 -10.21 -28.00 17.44
N TYR A 102 -9.61 -27.16 16.61
CA TYR A 102 -9.16 -27.61 15.30
C TYR A 102 -8.05 -28.62 15.48
N PHE A 103 -7.17 -28.36 16.44
CA PHE A 103 -5.99 -29.22 16.63
C PHE A 103 -6.07 -30.15 17.85
N ASN A 104 -7.15 -30.03 18.63
CA ASN A 104 -7.29 -30.69 19.93
C ASN A 104 -6.02 -30.53 20.77
N MET A 105 -5.60 -29.28 20.92
CA MET A 105 -4.37 -28.97 21.64
C MET A 105 -4.51 -27.62 22.33
N PRO A 106 -3.70 -27.39 23.37
CA PRO A 106 -3.59 -26.02 23.92
C PRO A 106 -2.91 -25.10 22.89
N VAL A 107 -3.50 -23.94 22.62
CA VAL A 107 -3.09 -23.11 21.46
C VAL A 107 -1.58 -22.84 21.32
N HIS A 108 -0.86 -22.64 22.43
CA HIS A 108 0.57 -22.34 22.31
C HIS A 108 1.41 -23.58 22.45
N MET A 109 0.87 -24.67 21.94
CA MET A 109 1.60 -25.92 21.85
C MET A 109 1.56 -26.45 20.45
N VAL A 110 0.69 -25.86 19.63
CA VAL A 110 0.70 -26.14 18.20
C VAL A 110 1.89 -25.48 17.53
N PRO A 111 2.85 -26.28 17.06
CA PRO A 111 4.04 -25.75 16.39
C PRO A 111 3.66 -24.91 15.17
N THR A 112 4.48 -23.90 14.86
CA THR A 112 4.13 -23.01 13.75
C THR A 112 4.30 -23.76 12.44
N GLU A 113 5.28 -24.66 12.37
N GLU A 113 5.29 -24.65 12.42
CA GLU A 113 5.50 -25.45 11.15
CA GLU A 113 5.56 -25.53 11.29
C GLU A 113 4.25 -26.29 10.83
C GLU A 113 4.28 -26.26 10.86
N LEU A 114 3.57 -26.77 11.86
CA LEU A 114 2.34 -27.55 11.63
C LEU A 114 1.20 -26.68 11.12
N VAL A 115 1.04 -25.48 11.69
CA VAL A 115 -0.03 -24.59 11.23
C VAL A 115 0.21 -24.18 9.75
N GLU A 116 1.47 -23.91 9.40
CA GLU A 116 1.81 -23.59 8.02
C GLU A 116 1.47 -24.74 7.09
N LYS A 117 1.92 -25.95 7.43
CA LYS A 117 1.59 -27.17 6.67
C LYS A 117 0.10 -27.36 6.57
N GLU A 118 -0.59 -27.18 7.70
CA GLU A 118 -2.01 -27.40 7.72
C GLU A 118 -2.75 -26.38 6.88
N PHE A 119 -2.28 -25.13 6.90
CA PHE A 119 -2.95 -24.08 6.16
C PHE A 119 -2.96 -24.44 4.69
N TRP A 120 -1.78 -24.74 4.15
CA TRP A 120 -1.66 -25.06 2.73
C TRP A 120 -2.39 -26.35 2.35
N ARG A 121 -2.56 -27.25 3.32
CA ARG A 121 -3.42 -28.41 3.05
C ARG A 121 -4.90 -28.00 2.93
N LEU A 122 -5.42 -27.29 3.92
CA LEU A 122 -6.87 -27.03 3.89
C LEU A 122 -7.30 -26.08 2.78
N VAL A 123 -6.43 -25.19 2.31
CA VAL A 123 -6.85 -24.26 1.26
C VAL A 123 -6.85 -24.96 -0.12
N SER A 124 -6.08 -26.04 -0.25
CA SER A 124 -6.04 -26.76 -1.52
C SER A 124 -7.14 -27.83 -1.63
N THR A 125 -7.46 -28.47 -0.52
CA THR A 125 -8.51 -29.50 -0.44
C THR A 125 -9.93 -28.96 -0.69
N ILE A 126 -10.54 -29.40 -1.77
CA ILE A 126 -11.86 -28.90 -2.14
C ILE A 126 -12.93 -29.31 -1.12
N GLU A 127 -12.69 -30.44 -0.45
CA GLU A 127 -13.63 -31.01 0.51
C GLU A 127 -13.85 -30.14 1.74
N GLU A 128 -12.75 -29.66 2.31
CA GLU A 128 -12.78 -28.77 3.47
C GLU A 128 -13.54 -27.47 3.19
N ASP A 129 -14.48 -27.12 4.07
CA ASP A 129 -15.21 -25.85 3.95
C ASP A 129 -14.97 -24.96 5.18
N VAL A 130 -13.69 -24.83 5.54
CA VAL A 130 -13.22 -23.99 6.63
C VAL A 130 -13.42 -22.48 6.38
N THR A 131 -14.13 -21.81 7.27
CA THR A 131 -14.21 -20.35 7.17
C THR A 131 -13.81 -19.71 8.48
N VAL A 132 -13.09 -18.60 8.38
CA VAL A 132 -12.62 -17.90 9.56
C VAL A 132 -13.06 -16.44 9.48
N GLU A 133 -12.86 -15.71 10.57
CA GLU A 133 -13.22 -14.30 10.66
C GLU A 133 -12.01 -13.45 11.05
N TYR A 134 -12.07 -12.17 10.73
CA TYR A 134 -10.98 -11.27 11.11
C TYR A 134 -11.43 -9.82 11.20
N GLY A 135 -10.62 -9.00 11.86
CA GLY A 135 -10.81 -7.56 11.88
C GLY A 135 -9.84 -6.87 10.93
N ALA A 136 -10.37 -5.93 10.17
CA ALA A 136 -9.54 -5.01 9.39
C ALA A 136 -10.27 -3.65 9.26
N ASP A 137 -9.65 -2.58 9.76
CA ASP A 137 -10.24 -1.24 9.71
C ASP A 137 -9.19 -0.20 10.02
N ILE A 138 -9.35 1.01 9.48
CA ILE A 138 -8.49 2.12 9.92
C ILE A 138 -8.92 2.51 11.34
N ALA A 139 -8.06 3.24 12.05
CA ALA A 139 -8.39 3.61 13.41
C ALA A 139 -9.64 4.51 13.49
N SER A 140 -10.38 4.37 14.58
CA SER A 140 -11.61 5.15 14.79
C SER A 140 -11.90 5.30 16.28
N LYS A 141 -13.03 5.89 16.61
CA LYS A 141 -13.40 6.13 18.01
C LYS A 141 -13.74 4.83 18.75
N GLU A 142 -14.31 3.86 18.04
CA GLU A 142 -14.66 2.57 18.65
C GLU A 142 -13.43 1.66 18.76
N PHE A 143 -12.40 1.95 17.95
CA PHE A 143 -11.21 1.12 17.88
C PHE A 143 -9.99 1.91 17.35
N GLY A 144 -9.07 2.24 18.26
CA GLY A 144 -7.98 3.13 17.93
C GLY A 144 -6.61 2.46 17.85
N SER A 145 -5.64 3.25 17.41
CA SER A 145 -4.25 2.80 17.29
C SER A 145 -3.76 2.09 18.57
N GLY A 146 -2.98 1.03 18.38
CA GLY A 146 -2.39 0.34 19.49
C GLY A 146 -1.17 1.09 19.98
N PHE A 147 -0.74 2.06 19.18
CA PHE A 147 0.32 2.98 19.59
C PHE A 147 -0.28 4.18 20.34
N PRO A 148 0.55 4.82 21.19
CA PRO A 148 0.16 6.05 21.89
C PRO A 148 -0.12 7.20 20.91
N VAL A 149 -1.24 7.89 21.10
CA VAL A 149 -1.49 9.14 20.36
C VAL A 149 -1.84 10.28 21.33
N ARG A 150 -2.49 11.33 20.85
CA ARG A 150 -2.84 12.44 21.74
C ARG A 150 -4.35 12.66 21.86
N ASP A 151 -4.85 12.58 23.09
CA ASP A 151 -6.25 12.87 23.39
C ASP A 151 -6.36 13.67 24.68
N GLY A 152 -7.60 14.07 25.02
CA GLY A 152 -7.89 14.71 26.29
C GLY A 152 -7.98 13.70 27.44
N ILE A 154 -7.22 12.59 27.32
CA ILE A 154 -6.96 11.68 28.43
C ILE A 154 -5.45 11.70 28.70
N LYS A 155 -5.06 11.46 29.95
CA LYS A 155 -3.67 11.65 30.38
C LYS A 155 -2.81 10.40 30.18
N LEU A 156 -1.59 10.62 29.70
CA LEU A 156 -0.67 9.56 29.33
C LEU A 156 0.43 9.34 30.38
N SER A 157 0.77 8.08 30.63
CA SER A 157 1.90 7.72 31.51
C SER A 157 3.22 8.20 30.90
N PRO A 158 4.24 8.49 31.73
CA PRO A 158 5.53 8.98 31.22
C PRO A 158 6.16 8.08 30.16
N GLU A 159 5.85 6.78 30.20
CA GLU A 159 6.39 5.85 29.22
C GLU A 159 5.63 5.95 27.91
N GLU A 160 4.31 6.13 27.98
CA GLU A 160 3.53 6.37 26.77
C GLU A 160 4.00 7.61 26.01
N GLU A 161 4.42 8.65 26.74
CA GLU A 161 4.88 9.86 26.10
C GLU A 161 6.25 9.66 25.43
N GLU A 162 7.06 8.73 25.95
CA GLU A 162 8.31 8.35 25.29
C GLU A 162 8.12 7.90 23.84
N TYR A 163 7.01 7.23 23.58
CA TYR A 163 6.77 6.60 22.28
C TYR A 163 5.82 7.43 21.44
N LEU A 164 5.36 8.54 22.00
CA LEU A 164 4.43 9.43 21.31
C LEU A 164 4.98 9.94 19.99
N ASP A 165 6.29 10.10 19.94
CA ASP A 165 6.87 10.81 18.83
C ASP A 165 7.90 9.92 18.16
N SER A 166 7.83 8.63 18.43
CA SER A 166 8.79 7.72 17.83
C SER A 166 8.60 7.67 16.32
N GLY A 167 9.70 7.45 15.61
CA GLY A 167 9.64 7.22 14.18
C GLY A 167 8.86 5.96 13.86
N TRP A 168 8.95 4.98 14.76
CA TRP A 168 8.33 3.69 14.52
C TRP A 168 6.95 3.62 15.11
N ASN A 169 6.47 4.69 15.73
CA ASN A 169 5.06 4.82 16.02
C ASN A 169 4.37 5.01 14.66
N LEU A 170 3.53 4.07 14.26
CA LEU A 170 3.10 4.06 12.87
C LEU A 170 2.12 5.20 12.57
N ASN A 171 1.62 5.89 13.59
CA ASN A 171 0.82 7.11 13.35
C ASN A 171 1.67 8.27 12.82
N ASN A 172 2.91 8.32 13.24
CA ASN A 172 3.83 9.36 12.83
C ASN A 172 4.39 9.12 11.44
N MET A 173 4.37 7.85 11.05
CA MET A 173 5.06 7.37 9.86
C MET A 173 4.72 8.13 8.58
N PRO A 174 3.42 8.30 8.26
CA PRO A 174 3.14 9.04 7.03
C PRO A 174 3.65 10.48 7.05
N VAL A 175 3.57 11.14 8.21
CA VAL A 175 3.67 12.60 8.25
C VAL A 175 5.04 13.14 8.65
N MET A 176 6.10 12.35 8.47
CA MET A 176 7.44 12.89 8.70
C MET A 176 7.94 13.63 7.47
N GLU A 177 9.05 14.35 7.66
CA GLU A 177 9.61 15.17 6.59
C GLU A 177 10.44 14.32 5.63
N GLN A 178 10.14 13.03 5.56
CA GLN A 178 10.77 12.16 4.56
C GLN A 178 9.81 11.16 3.94
N SER A 179 8.55 11.14 4.39
CA SER A 179 7.53 10.40 3.64
C SER A 179 6.79 11.32 2.69
N VAL A 180 7.04 11.09 1.42
CA VAL A 180 6.48 11.86 0.33
C VAL A 180 4.93 11.99 0.42
N LEU A 181 4.27 10.95 0.93
CA LEU A 181 2.81 10.98 1.15
C LEU A 181 2.34 11.99 2.21
N ALA A 182 3.28 12.69 2.85
CA ALA A 182 2.97 13.53 4.01
C ALA A 182 2.09 14.72 3.67
N HIS A 183 2.67 15.64 2.90
CA HIS A 183 2.08 16.92 2.58
C HIS A 183 1.09 16.84 1.41
N ILE A 184 0.81 15.61 0.94
CA ILE A 184 -0.43 15.40 0.22
C ILE A 184 -1.52 15.87 1.18
N THR A 185 -2.40 16.72 0.69
CA THR A 185 -3.46 17.22 1.55
C THR A 185 -4.76 16.53 1.16
N ALA A 186 -4.78 15.93 -0.04
CA ALA A 186 -5.97 15.23 -0.54
C ALA A 186 -6.53 14.19 0.43
N ASP A 187 -7.85 14.04 0.40
CA ASP A 187 -8.56 13.05 1.22
C ASP A 187 -8.37 11.65 0.64
N ILE A 188 -7.23 11.04 0.97
CA ILE A 188 -6.91 9.69 0.53
C ILE A 188 -6.63 8.81 1.75
N CYS A 189 -7.61 8.79 2.66
CA CYS A 189 -7.46 8.23 4.02
C CYS A 189 -7.06 6.74 4.12
N GLY A 190 -7.50 5.91 3.17
CA GLY A 190 -7.11 4.50 3.17
C GLY A 190 -5.60 4.36 3.07
N MET A 191 -4.99 5.30 2.36
CA MET A 191 -3.56 5.28 2.08
C MET A 191 -2.67 5.63 3.27
N LYS A 192 -2.74 6.88 3.73
CA LYS A 192 -1.78 7.42 4.69
C LYS A 192 -2.11 7.17 6.17
N LEU A 193 -3.28 6.60 6.45
CA LEU A 193 -3.65 6.27 7.84
C LEU A 193 -3.35 4.81 8.12
N PRO A 194 -3.05 4.50 9.39
CA PRO A 194 -2.79 3.12 9.81
C PRO A 194 -4.05 2.24 9.79
N TRP A 195 -3.88 0.99 9.37
CA TRP A 195 -4.94 -0.02 9.48
C TRP A 195 -4.67 -0.93 10.67
N LEU A 196 -5.74 -1.38 11.31
CA LEU A 196 -5.64 -2.31 12.43
C LEU A 196 -6.16 -3.69 12.04
N TYR A 197 -5.41 -4.73 12.38
CA TYR A 197 -5.78 -6.10 11.99
C TYR A 197 -5.85 -7.05 13.17
N VAL A 198 -7.05 -7.50 13.50
CA VAL A 198 -7.21 -8.55 14.50
C VAL A 198 -7.30 -9.94 13.82
N GLY A 199 -6.28 -10.77 14.01
CA GLY A 199 -6.24 -12.09 13.41
C GLY A 199 -6.68 -13.26 14.29
N MET A 200 -6.99 -14.36 13.65
CA MET A 200 -7.18 -15.65 14.31
C MET A 200 -6.46 -16.68 13.46
N CYS A 201 -6.37 -17.91 13.97
CA CYS A 201 -5.71 -19.00 13.22
C CYS A 201 -6.26 -19.14 11.79
N PHE A 202 -5.35 -19.08 10.80
CA PHE A 202 -5.64 -19.28 9.36
C PHE A 202 -6.20 -18.05 8.62
N SER A 203 -6.65 -17.03 9.33
CA SER A 203 -7.15 -15.82 8.66
C SER A 203 -5.99 -15.26 7.84
N SER A 204 -6.26 -14.89 6.59
CA SER A 204 -5.15 -14.65 5.68
C SER A 204 -5.32 -13.40 4.87
N PHE A 205 -4.19 -12.94 4.35
CA PHE A 205 -4.20 -11.82 3.45
C PHE A 205 -3.68 -12.36 2.13
N CYS A 206 -4.46 -12.17 1.06
CA CYS A 206 -4.14 -12.71 -0.28
C CYS A 206 -2.98 -12.00 -0.92
N TRP A 207 -2.45 -12.60 -1.98
CA TRP A 207 -1.35 -12.00 -2.71
C TRP A 207 -1.76 -10.65 -3.26
N HIS A 208 -0.88 -9.67 -3.11
CA HIS A 208 -1.16 -8.31 -3.54
C HIS A 208 0.10 -7.48 -3.44
N ILE A 209 0.09 -6.34 -4.12
CA ILE A 209 1.06 -5.28 -3.89
C ILE A 209 0.33 -4.03 -3.37
N GLU A 210 1.07 -3.07 -2.82
CA GLU A 210 0.42 -1.89 -2.24
C GLU A 210 -0.02 -0.96 -3.35
N ASP A 211 -1.08 -0.20 -3.09
CA ASP A 211 -1.47 0.87 -4.00
C ASP A 211 -0.27 1.80 -4.32
N HIS A 212 -0.15 2.16 -5.61
CA HIS A 212 0.92 3.01 -6.14
C HIS A 212 2.33 2.45 -5.86
N TRP A 213 2.41 1.15 -5.60
CA TRP A 213 3.67 0.47 -5.31
C TRP A 213 4.40 1.11 -4.12
N SER A 214 3.64 1.57 -3.13
CA SER A 214 4.26 2.05 -1.91
C SER A 214 4.92 0.94 -1.09
N TYR A 215 5.82 1.35 -0.20
CA TYR A 215 6.24 0.51 0.89
C TYR A 215 5.06 0.23 1.81
N SER A 216 5.20 -0.77 2.67
CA SER A 216 4.35 -0.85 3.86
C SER A 216 5.19 -1.33 5.03
N ILE A 217 4.69 -1.05 6.23
CA ILE A 217 5.36 -1.46 7.45
C ILE A 217 4.26 -1.90 8.38
N ASN A 218 4.51 -3.06 8.99
CA ASN A 218 3.52 -3.78 9.78
C ASN A 218 4.12 -4.09 11.13
N TYR A 219 3.39 -3.77 12.18
CA TYR A 219 3.86 -4.04 13.53
C TYR A 219 2.92 -5.00 14.20
N LEU A 220 3.46 -6.12 14.67
CA LEU A 220 2.66 -7.06 15.43
C LEU A 220 2.68 -6.65 16.90
N HIS A 221 1.57 -6.13 17.42
CA HIS A 221 1.55 -5.57 18.78
C HIS A 221 1.66 -6.66 19.84
N TRP A 222 0.80 -7.67 19.72
CA TRP A 222 0.80 -8.84 20.61
C TRP A 222 0.07 -10.03 19.97
N GLY A 223 0.32 -11.23 20.51
CA GLY A 223 -0.42 -12.41 20.10
C GLY A 223 0.44 -13.40 19.36
N GLU A 224 -0.21 -14.38 18.74
CA GLU A 224 0.54 -15.43 18.08
C GLU A 224 1.11 -14.89 16.77
N PRO A 225 2.14 -15.53 16.24
CA PRO A 225 2.82 -14.95 15.07
C PRO A 225 1.94 -14.80 13.85
N LYS A 226 2.48 -14.07 12.88
CA LYS A 226 1.89 -13.89 11.56
C LYS A 226 2.89 -14.47 10.56
N THR A 227 2.43 -15.28 9.63
CA THR A 227 3.34 -15.89 8.66
C THR A 227 3.28 -15.13 7.34
N TRP A 228 4.44 -14.79 6.79
CA TRP A 228 4.53 -13.93 5.60
C TRP A 228 5.21 -14.68 4.46
N TYR A 229 4.72 -14.45 3.24
CA TYR A 229 5.49 -14.81 2.05
C TYR A 229 5.68 -13.53 1.27
N GLY A 230 6.85 -13.35 0.68
CA GLY A 230 7.13 -12.18 -0.12
C GLY A 230 7.92 -12.46 -1.37
N VAL A 231 7.70 -11.62 -2.39
CA VAL A 231 8.38 -11.77 -3.67
C VAL A 231 9.06 -10.44 -4.00
N PRO A 232 10.33 -10.46 -4.38
CA PRO A 232 10.95 -9.16 -4.65
C PRO A 232 10.24 -8.39 -5.78
N GLY A 233 10.40 -7.07 -5.80
CA GLY A 233 9.74 -6.23 -6.79
C GLY A 233 10.08 -6.59 -8.23
N TYR A 234 11.30 -7.06 -8.47
CA TYR A 234 11.69 -7.35 -9.84
C TYR A 234 10.97 -8.57 -10.42
N ALA A 235 10.39 -9.41 -9.57
CA ALA A 235 9.73 -10.60 -10.06
C ALA A 235 8.23 -10.42 -10.13
N ALA A 236 7.76 -9.18 -9.99
CA ALA A 236 6.31 -8.93 -9.96
C ALA A 236 5.58 -9.42 -11.23
N GLU A 237 6.15 -9.18 -12.41
CA GLU A 237 5.47 -9.59 -13.63
C GLU A 237 5.58 -11.11 -13.87
N GLN A 238 6.68 -11.72 -13.46
CA GLN A 238 6.75 -13.19 -13.42
C GLN A 238 5.56 -13.73 -12.64
N LEU A 239 5.31 -13.19 -11.44
CA LEU A 239 4.26 -13.69 -10.58
C LEU A 239 2.90 -13.41 -11.18
N GLU A 240 2.74 -12.27 -11.85
CA GLU A 240 1.45 -11.95 -12.45
C GLU A 240 1.15 -12.89 -13.61
N ASN A 241 2.18 -13.23 -14.39
CA ASN A 241 2.03 -14.23 -15.46
C ASN A 241 1.62 -15.60 -14.94
N VAL A 242 2.30 -16.08 -13.89
CA VAL A 242 1.92 -17.33 -13.27
C VAL A 242 0.45 -17.29 -12.82
N MET A 243 0.01 -16.14 -12.32
CA MET A 243 -1.34 -16.09 -11.79
C MET A 243 -2.38 -15.90 -12.88
N LYS A 244 -2.02 -15.19 -13.96
CA LYS A 244 -2.89 -15.09 -15.15
C LYS A 244 -3.14 -16.49 -15.76
N LYS A 245 -2.12 -17.34 -15.73
CA LYS A 245 -2.23 -18.71 -16.22
C LYS A 245 -3.17 -19.58 -15.35
N LEU A 246 -2.98 -19.56 -14.03
CA LEU A 246 -3.72 -20.49 -13.16
C LEU A 246 -5.05 -19.95 -12.66
N ALA A 247 -5.25 -18.64 -12.70
CA ALA A 247 -6.50 -18.05 -12.20
C ALA A 247 -6.92 -16.80 -12.97
N PRO A 248 -7.29 -16.96 -14.26
CA PRO A 248 -7.62 -15.83 -15.13
C PRO A 248 -8.83 -14.99 -14.69
N GLU A 249 -9.72 -15.58 -13.89
CA GLU A 249 -10.90 -14.86 -13.37
C GLU A 249 -10.52 -13.63 -12.56
N LEU A 250 -9.33 -13.64 -11.98
CA LEU A 250 -8.81 -12.52 -11.19
C LEU A 250 -8.40 -11.34 -12.05
N PHE A 251 -8.47 -11.52 -13.36
CA PHE A 251 -7.92 -10.55 -14.28
C PHE A 251 -8.98 -9.93 -15.19
N VAL A 252 -10.22 -10.44 -15.08
CA VAL A 252 -11.36 -9.80 -15.74
C VAL A 252 -11.53 -8.39 -15.13
N SER A 253 -11.75 -7.41 -16.00
CA SER A 253 -11.74 -5.98 -15.63
C SER A 253 -12.79 -5.64 -14.57
N GLN A 254 -12.41 -4.82 -13.58
CA GLN A 254 -13.35 -4.43 -12.52
C GLN A 254 -13.59 -2.91 -12.56
N PRO A 255 -14.80 -2.48 -12.17
CA PRO A 255 -15.23 -1.08 -12.33
C PRO A 255 -14.85 -0.17 -11.16
N ASP A 256 -14.35 -0.75 -10.07
CA ASP A 256 -14.00 0.04 -8.90
C ASP A 256 -12.57 -0.24 -8.42
N LEU A 257 -12.01 0.69 -7.67
CA LEU A 257 -10.73 0.47 -6.99
C LEU A 257 -11.02 -0.41 -5.78
N LEU A 258 -12.29 -0.49 -5.39
CA LEU A 258 -12.75 -1.35 -4.31
C LEU A 258 -13.22 -2.72 -4.83
N HIS A 259 -13.11 -2.93 -6.14
CA HIS A 259 -13.54 -4.17 -6.75
C HIS A 259 -12.37 -5.00 -7.30
N GLN A 260 -11.14 -4.76 -6.84
CA GLN A 260 -9.97 -5.55 -7.27
C GLN A 260 -10.04 -6.95 -6.70
N LEU A 261 -9.69 -7.95 -7.50
CA LEU A 261 -9.75 -9.34 -7.05
C LEU A 261 -8.36 -9.88 -6.70
N VAL A 262 -8.30 -10.62 -5.59
CA VAL A 262 -7.04 -11.20 -5.10
C VAL A 262 -7.27 -12.64 -4.65
N THR A 263 -6.18 -13.36 -4.39
CA THR A 263 -6.31 -14.77 -4.07
C THR A 263 -5.19 -15.40 -3.23
N ILE A 264 -5.52 -16.53 -2.63
CA ILE A 264 -4.56 -17.39 -1.98
C ILE A 264 -3.88 -18.29 -3.01
N MET A 265 -2.56 -18.40 -2.96
CA MET A 265 -1.84 -19.32 -3.84
C MET A 265 -0.54 -19.81 -3.20
N ASN A 266 -0.33 -21.12 -3.29
CA ASN A 266 0.79 -21.77 -2.66
C ASN A 266 2.13 -21.27 -3.19
N PRO A 267 2.99 -20.74 -2.31
CA PRO A 267 4.33 -20.29 -2.69
C PRO A 267 5.09 -21.33 -3.51
N ASN A 268 4.87 -22.61 -3.21
CA ASN A 268 5.57 -23.67 -3.94
C ASN A 268 5.19 -23.65 -5.43
N THR A 269 3.92 -23.36 -5.71
CA THR A 269 3.48 -23.20 -7.08
C THR A 269 4.29 -22.12 -7.79
N LEU A 270 4.56 -21.02 -7.07
CA LEU A 270 5.31 -19.92 -7.66
C LEU A 270 6.78 -20.32 -7.83
N MET A 271 7.31 -21.02 -6.84
CA MET A 271 8.73 -21.39 -6.87
C MET A 271 8.98 -22.42 -7.97
N THR A 272 8.00 -23.29 -8.19
CA THR A 272 8.02 -24.24 -9.31
C THR A 272 8.18 -23.51 -10.64
N HIS A 273 7.51 -22.37 -10.77
CA HIS A 273 7.55 -21.58 -11.99
C HIS A 273 8.63 -20.49 -11.96
N GLU A 274 9.67 -20.69 -11.14
CA GLU A 274 10.87 -19.85 -11.13
C GLU A 274 10.67 -18.43 -10.56
N VAL A 275 9.61 -18.25 -9.77
CA VAL A 275 9.44 -17.01 -9.01
C VAL A 275 10.07 -17.14 -7.62
N PRO A 276 10.96 -16.22 -7.26
CA PRO A 276 11.57 -16.32 -5.91
C PRO A 276 10.62 -15.90 -4.80
N VAL A 277 10.42 -16.78 -3.82
CA VAL A 277 9.57 -16.50 -2.68
C VAL A 277 10.40 -16.58 -1.41
N TYR A 278 10.12 -15.72 -0.44
CA TYR A 278 10.77 -15.76 0.88
C TYR A 278 9.70 -15.80 1.95
N ARG A 279 10.02 -16.29 3.13
CA ARG A 279 9.03 -16.36 4.19
C ARG A 279 9.60 -15.81 5.48
N THR A 280 8.72 -15.47 6.40
CA THR A 280 9.13 -15.28 7.78
C THR A 280 7.95 -15.54 8.72
N ASN A 281 8.24 -15.78 9.99
CA ASN A 281 7.23 -15.64 11.04
C ASN A 281 7.52 -14.34 11.79
N GLN A 282 6.53 -13.48 11.81
CA GLN A 282 6.61 -12.23 12.51
C GLN A 282 6.04 -12.48 13.89
N CYS A 283 6.83 -12.21 14.93
CA CYS A 283 6.34 -12.39 16.31
C CYS A 283 6.00 -11.05 16.95
N ALA A 284 5.27 -11.10 18.06
CA ALA A 284 4.90 -9.88 18.77
C ALA A 284 6.15 -9.03 19.05
N GLY A 285 6.03 -7.73 18.77
CA GLY A 285 7.14 -6.79 18.92
C GLY A 285 8.05 -6.70 17.71
N GLU A 286 7.75 -7.43 16.65
CA GLU A 286 8.53 -7.28 15.41
C GLU A 286 7.80 -6.52 14.27
N PHE A 287 8.61 -5.91 13.41
CA PHE A 287 8.14 -5.18 12.25
C PHE A 287 8.41 -6.03 11.02
N VAL A 288 7.45 -6.03 10.10
CA VAL A 288 7.73 -6.46 8.73
C VAL A 288 7.64 -5.25 7.81
N ILE A 289 8.60 -5.13 6.90
CA ILE A 289 8.58 -4.09 5.88
C ILE A 289 8.46 -4.70 4.48
N THR A 290 7.51 -4.21 3.68
CA THR A 290 7.45 -4.62 2.28
C THR A 290 7.93 -3.50 1.38
N PHE A 291 8.74 -3.87 0.39
CA PHE A 291 9.30 -2.91 -0.54
C PHE A 291 8.38 -2.70 -1.75
N PRO A 292 8.66 -1.67 -2.59
CA PRO A 292 7.74 -1.33 -3.69
C PRO A 292 7.54 -2.47 -4.69
N ARG A 293 6.30 -2.75 -5.06
N ARG A 293 6.29 -2.72 -5.05
CA ARG A 293 5.99 -3.75 -6.09
CA ARG A 293 5.93 -3.75 -6.03
C ARG A 293 6.41 -5.16 -5.61
C ARG A 293 6.35 -5.16 -5.60
N ALA A 294 6.56 -5.33 -4.30
CA ALA A 294 6.88 -6.63 -3.72
C ALA A 294 5.61 -7.36 -3.32
N TYR A 295 5.26 -8.43 -4.04
CA TYR A 295 4.06 -9.18 -3.70
C TYR A 295 4.21 -9.83 -2.31
N HIS A 296 3.12 -9.90 -1.57
CA HIS A 296 3.18 -10.58 -0.30
C HIS A 296 1.81 -11.12 0.02
N SER A 297 1.79 -12.15 0.87
CA SER A 297 0.57 -12.77 1.40
C SER A 297 0.95 -13.50 2.68
N GLY A 298 -0.05 -14.00 3.39
CA GLY A 298 0.25 -14.80 4.57
C GLY A 298 -0.98 -15.10 5.37
N PHE A 299 -0.77 -15.61 6.58
CA PHE A 299 -1.90 -15.97 7.43
C PHE A 299 -1.45 -15.83 8.89
N ASN A 300 -2.42 -15.79 9.78
CA ASN A 300 -2.12 -15.73 11.19
C ASN A 300 -2.09 -17.10 11.84
N GLN A 301 -1.18 -17.27 12.79
CA GLN A 301 -1.04 -18.52 13.51
C GLN A 301 -2.09 -18.67 14.60
N GLY A 302 -2.65 -17.56 15.05
CA GLY A 302 -3.69 -17.59 16.07
C GLY A 302 -4.14 -16.18 16.36
N PHE A 303 -4.75 -15.97 17.52
CA PHE A 303 -5.24 -14.66 17.96
C PHE A 303 -4.12 -13.63 18.05
N ASN A 304 -4.27 -12.52 17.33
CA ASN A 304 -3.24 -11.49 17.39
C ASN A 304 -3.76 -10.12 16.98
N PHE A 305 -2.88 -9.13 17.08
CA PHE A 305 -3.25 -7.74 16.78
C PHE A 305 -2.12 -6.99 16.12
N ALA A 306 -2.39 -6.47 14.94
CA ALA A 306 -1.35 -5.88 14.14
C ALA A 306 -1.82 -4.54 13.63
N GLU A 307 -0.87 -3.70 13.28
CA GLU A 307 -1.15 -2.37 12.82
C GLU A 307 -0.21 -2.13 11.68
N ALA A 308 -0.70 -1.54 10.58
CA ALA A 308 0.15 -1.36 9.40
C ALA A 308 -0.16 -0.04 8.71
N VAL A 309 0.81 0.47 7.97
CA VAL A 309 0.63 1.74 7.29
C VAL A 309 1.47 1.74 6.02
N ASN A 310 0.98 2.43 4.97
CA ASN A 310 1.76 2.62 3.74
C ASN A 310 2.64 3.82 3.88
N PHE A 311 3.73 3.86 3.14
CA PHE A 311 4.52 5.07 3.10
C PHE A 311 5.42 5.10 1.87
N CYS A 312 5.96 6.28 1.58
CA CYS A 312 6.76 6.49 0.39
C CYS A 312 8.02 7.30 0.70
N THR A 313 9.18 6.77 0.34
CA THR A 313 10.42 7.48 0.53
C THR A 313 10.79 8.15 -0.78
N VAL A 314 11.88 8.92 -0.80
CA VAL A 314 12.33 9.57 -2.04
C VAL A 314 12.77 8.53 -3.07
N ASP A 315 13.37 7.44 -2.60
CA ASP A 315 13.68 6.26 -3.42
C ASP A 315 12.49 5.81 -4.29
N TRP A 316 11.29 5.98 -3.75
CA TRP A 316 10.09 5.46 -4.39
C TRP A 316 9.60 6.31 -5.58
N LEU A 317 9.88 7.61 -5.54
CA LEU A 317 9.32 8.55 -6.53
C LEU A 317 9.34 8.04 -7.99
N PRO A 318 10.51 7.58 -8.50
CA PRO A 318 10.48 7.10 -9.89
C PRO A 318 9.55 5.92 -10.08
N LEU A 319 9.53 5.00 -9.11
CA LEU A 319 8.60 3.86 -9.20
C LEU A 319 7.16 4.33 -9.18
N GLY A 320 6.87 5.32 -8.34
CA GLY A 320 5.53 5.90 -8.29
C GLY A 320 5.06 6.46 -9.63
N ARG A 321 5.99 7.01 -10.41
CA ARG A 321 5.65 7.47 -11.75
C ARG A 321 5.43 6.25 -12.66
N GLN A 322 6.36 5.30 -12.63
N GLN A 322 6.35 5.28 -12.64
CA GLN A 322 6.23 4.08 -13.43
CA GLN A 322 6.18 4.08 -13.46
C GLN A 322 4.94 3.32 -13.09
C GLN A 322 4.88 3.36 -13.10
N CYS A 323 4.53 3.35 -11.82
CA CYS A 323 3.29 2.74 -11.41
C CYS A 323 2.05 3.38 -12.07
N VAL A 324 2.02 4.72 -12.13
CA VAL A 324 0.87 5.40 -12.71
C VAL A 324 0.80 5.17 -14.22
N GLU A 325 1.94 5.10 -14.87
CA GLU A 325 2.01 4.69 -16.26
C GLU A 325 1.37 3.31 -16.45
N HIS A 326 1.78 2.37 -15.60
CA HIS A 326 1.27 1.01 -15.62
C HIS A 326 -0.25 0.94 -15.32
N TYR A 327 -0.74 1.74 -14.36
CA TYR A 327 -2.20 1.81 -14.12
C TYR A 327 -2.95 2.25 -15.37
N ARG A 328 -2.34 3.16 -16.12
CA ARG A 328 -2.96 3.69 -17.33
C ARG A 328 -3.08 2.58 -18.37
N LEU A 329 -2.00 1.84 -18.58
N LEU A 329 -1.99 1.86 -18.63
CA LEU A 329 -1.98 0.72 -19.52
CA LEU A 329 -2.03 0.69 -19.51
C LEU A 329 -2.91 -0.44 -19.10
C LEU A 329 -3.18 -0.24 -19.13
N LEU A 330 -3.33 -0.47 -17.83
CA LEU A 330 -4.31 -1.43 -17.33
C LEU A 330 -5.71 -0.87 -17.19
N HIS A 331 -5.89 0.42 -17.47
CA HIS A 331 -7.14 1.10 -17.14
C HIS A 331 -7.51 0.92 -15.65
N ARG A 332 -6.51 0.92 -14.78
CA ARG A 332 -6.75 0.83 -13.34
C ARG A 332 -6.92 2.21 -12.69
N TYR A 333 -7.82 2.33 -11.71
CA TYR A 333 -7.98 3.57 -10.96
C TYR A 333 -6.80 3.90 -10.05
N CYS A 334 -6.50 5.19 -9.94
CA CYS A 334 -5.47 5.69 -9.03
C CYS A 334 -6.10 6.11 -7.72
N VAL A 335 -5.29 6.13 -6.67
CA VAL A 335 -5.72 6.61 -5.37
C VAL A 335 -5.56 8.13 -5.30
N PHE A 336 -4.48 8.62 -5.90
CA PHE A 336 -4.17 10.04 -5.94
C PHE A 336 -3.43 10.35 -7.23
N SER A 337 -3.36 11.64 -7.57
CA SER A 337 -2.55 12.05 -8.71
C SER A 337 -1.09 12.19 -8.29
N HIS A 338 -0.21 11.44 -8.94
CA HIS A 338 1.21 11.51 -8.68
C HIS A 338 1.74 12.92 -9.00
N ASP A 339 1.30 13.46 -10.14
CA ASP A 339 1.73 14.79 -10.57
C ASP A 339 1.25 15.88 -9.63
N GLU A 340 0.03 15.73 -9.14
CA GLU A 340 -0.51 16.69 -8.20
C GLU A 340 0.37 16.70 -6.96
N MET A 341 0.89 15.53 -6.61
CA MET A 341 1.72 15.45 -5.43
C MET A 341 3.05 16.15 -5.68
N ILE A 342 3.68 15.84 -6.81
CA ILE A 342 4.94 16.48 -7.18
C ILE A 342 4.81 18.01 -7.14
N CYS A 343 3.74 18.55 -7.74
CA CYS A 343 3.55 19.99 -7.82
C CYS A 343 3.23 20.59 -6.47
N LYS A 344 2.57 19.82 -5.61
CA LYS A 344 2.30 20.31 -4.28
C LYS A 344 3.62 20.48 -3.52
N MET A 345 4.50 19.51 -3.71
CA MET A 345 5.79 19.58 -3.06
C MET A 345 6.62 20.73 -3.61
N ALA A 346 6.64 20.88 -4.93
CA ALA A 346 7.37 21.97 -5.58
C ALA A 346 6.89 23.34 -5.07
N SER A 347 5.59 23.46 -4.83
CA SER A 347 5.02 24.70 -4.31
C SER A 347 5.35 24.93 -2.83
N LYS A 348 5.90 23.92 -2.17
CA LYS A 348 6.36 24.09 -0.78
C LYS A 348 7.87 23.88 -0.73
N ALA A 349 8.57 24.22 -1.81
CA ALA A 349 9.99 23.87 -1.91
C ALA A 349 10.83 24.53 -0.81
N ASP A 350 10.44 25.72 -0.37
CA ASP A 350 11.19 26.44 0.66
C ASP A 350 11.29 25.69 1.99
N VAL A 351 10.27 24.92 2.34
CA VAL A 351 10.25 24.19 3.61
C VAL A 351 10.49 22.68 3.46
N LEU A 352 10.99 22.25 2.30
CA LEU A 352 11.22 20.83 2.08
C LEU A 352 12.59 20.39 2.55
N ASP A 353 12.64 19.20 3.09
CA ASP A 353 13.90 18.51 3.30
C ASP A 353 14.72 18.59 2.00
N VAL A 354 16.03 18.76 2.10
CA VAL A 354 16.84 19.08 0.93
C VAL A 354 17.15 17.89 0.00
N VAL A 355 17.16 16.67 0.55
CA VAL A 355 17.32 15.49 -0.31
C VAL A 355 15.99 15.21 -1.01
N VAL A 356 14.90 15.43 -0.26
CA VAL A 356 13.56 15.39 -0.82
C VAL A 356 13.48 16.33 -2.03
N ALA A 357 13.89 17.57 -1.82
CA ALA A 357 13.82 18.58 -2.87
C ALA A 357 14.65 18.20 -4.08
N SER A 358 15.80 17.58 -3.85
CA SER A 358 16.65 17.15 -4.96
C SER A 358 15.99 16.05 -5.80
N THR A 359 15.29 15.14 -5.13
CA THR A 359 14.71 13.98 -5.79
C THR A 359 13.40 14.36 -6.51
N VAL A 360 12.63 15.24 -5.87
CA VAL A 360 11.43 15.77 -6.49
C VAL A 360 11.77 16.48 -7.79
N GLN A 361 12.86 17.25 -7.76
CA GLN A 361 13.30 17.98 -8.94
C GLN A 361 13.57 17.05 -10.11
N LYS A 362 14.21 15.92 -9.85
CA LYS A 362 14.55 14.99 -10.90
C LYS A 362 13.26 14.40 -11.51
N ASP A 363 12.28 14.11 -10.64
CA ASP A 363 10.98 13.63 -11.12
C ASP A 363 10.21 14.72 -11.85
N MET A 364 10.29 15.94 -11.35
CA MET A 364 9.58 17.02 -11.98
C MET A 364 10.14 17.29 -13.41
N ALA A 365 11.45 17.10 -13.60
CA ALA A 365 12.05 17.36 -14.90
C ALA A 365 11.54 16.37 -15.94
N ILE A 366 11.35 15.14 -15.50
CA ILE A 366 10.77 14.12 -16.37
C ILE A 366 9.31 14.45 -16.67
N MET A 367 8.56 14.79 -15.63
CA MET A 367 7.17 15.20 -15.77
C MET A 367 7.02 16.29 -16.84
N ILE A 368 7.86 17.31 -16.73
CA ILE A 368 7.76 18.46 -17.61
C ILE A 368 8.12 18.10 -19.05
N GLU A 369 9.24 17.40 -19.26
CA GLU A 369 9.59 16.93 -20.59
C GLU A 369 8.45 16.09 -21.19
N ASP A 370 7.92 15.13 -20.43
CA ASP A 370 6.82 14.29 -20.95
C ASP A 370 5.59 15.14 -21.30
N GLU A 371 5.32 16.18 -20.52
CA GLU A 371 4.13 16.99 -20.72
C GLU A 371 4.28 17.89 -21.95
N LYS A 372 5.50 18.35 -22.19
CA LYS A 372 5.79 19.17 -23.36
C LYS A 372 5.46 18.37 -24.62
N ALA A 373 5.97 17.14 -24.68
CA ALA A 373 5.74 16.27 -25.83
C ALA A 373 4.25 15.99 -26.06
N LEU A 374 3.54 15.71 -24.98
CA LEU A 374 2.13 15.36 -25.07
C LEU A 374 1.30 16.53 -25.61
N ARG A 375 1.67 17.76 -25.22
CA ARG A 375 0.92 18.94 -25.64
C ARG A 375 1.24 19.24 -27.10
N GLU A 376 2.49 19.05 -27.50
CA GLU A 376 2.85 19.15 -28.91
C GLU A 376 2.00 18.19 -29.75
N THR A 377 1.87 16.96 -29.26
CA THR A 377 1.08 15.95 -29.94
C THR A 377 -0.42 16.32 -30.06
N VAL A 378 -1.04 16.85 -29.00
CA VAL A 378 -2.46 17.18 -29.12
C VAL A 378 -2.66 18.43 -29.97
N ARG A 379 -1.67 19.33 -29.98
CA ARG A 379 -1.74 20.51 -30.86
C ARG A 379 -1.74 20.05 -32.32
N LYS A 380 -0.86 19.11 -32.67
CA LYS A 380 -0.77 18.61 -34.03
C LYS A 380 -1.96 17.74 -34.37
N LEU A 381 -2.86 17.52 -33.41
CA LEU A 381 -4.07 16.74 -33.67
C LEU A 381 -5.23 17.68 -33.90
N GLY A 382 -4.96 18.98 -33.73
CA GLY A 382 -5.94 20.00 -34.07
C GLY A 382 -6.65 20.62 -32.89
N VAL A 383 -6.21 20.28 -31.68
CA VAL A 383 -6.77 20.89 -30.50
C VAL A 383 -6.08 22.23 -30.32
N ILE A 384 -6.87 23.30 -30.47
CA ILE A 384 -6.30 24.63 -30.49
C ILE A 384 -6.73 25.47 -29.30
N ASP A 385 -8.02 25.45 -28.99
CA ASP A 385 -8.51 26.22 -27.85
C ASP A 385 -7.96 25.62 -26.54
N SER A 386 -7.92 26.43 -25.49
CA SER A 386 -7.37 25.97 -24.22
C SER A 386 -7.73 26.94 -23.09
N GLU A 387 -7.87 26.40 -21.88
CA GLU A 387 -8.12 27.20 -20.70
C GLU A 387 -7.45 26.57 -19.48
N ARG A 388 -6.90 27.39 -18.60
CA ARG A 388 -6.41 26.89 -17.32
C ARG A 388 -7.57 26.27 -16.53
N MET A 389 -7.25 25.21 -15.79
CA MET A 389 -8.26 24.54 -15.00
C MET A 389 -7.59 24.03 -13.73
N ASP A 390 -8.19 24.34 -12.58
CA ASP A 390 -7.71 23.84 -11.29
C ASP A 390 -8.21 22.42 -10.97
N PHE A 391 -7.51 21.42 -11.52
CA PHE A 391 -7.95 20.04 -11.39
C PHE A 391 -8.11 19.58 -9.94
N GLU A 392 -7.26 20.10 -9.06
CA GLU A 392 -7.21 19.63 -7.68
C GLU A 392 -8.52 19.94 -6.92
N LEU A 393 -9.33 20.86 -7.46
CA LEU A 393 -10.65 21.21 -6.92
C LEU A 393 -11.72 20.19 -7.26
N LEU A 394 -11.56 19.51 -8.39
CA LEU A 394 -12.49 18.47 -8.78
C LEU A 394 -12.37 17.24 -7.90
N PRO A 395 -13.52 16.73 -7.43
CA PRO A 395 -13.62 15.39 -6.82
C PRO A 395 -12.93 14.37 -7.74
N ASP A 396 -12.19 13.41 -7.21
CA ASP A 396 -11.37 12.55 -8.08
C ASP A 396 -12.21 11.81 -9.13
N ASP A 397 -13.44 11.45 -8.78
CA ASP A 397 -14.31 10.75 -9.72
C ASP A 397 -14.80 11.67 -10.83
N GLU A 398 -14.54 12.97 -10.70
CA GLU A 398 -14.93 13.90 -11.75
C GLU A 398 -13.75 14.25 -12.68
N ARG A 399 -12.57 13.65 -12.45
CA ARG A 399 -11.45 13.95 -13.32
C ARG A 399 -10.63 12.73 -13.70
N GLN A 400 -11.29 11.59 -13.88
CA GLN A 400 -10.62 10.41 -14.44
C GLN A 400 -10.79 10.37 -15.94
N CYS A 401 -9.72 10.01 -16.64
CA CYS A 401 -9.79 9.80 -18.08
C CYS A 401 -10.87 8.78 -18.40
N VAL A 402 -11.75 9.15 -19.31
CA VAL A 402 -12.86 8.29 -19.69
C VAL A 402 -12.38 6.94 -20.27
N LYS A 403 -11.23 6.93 -20.94
CA LYS A 403 -10.65 5.70 -21.45
C LYS A 403 -9.85 4.91 -20.40
N CYS A 404 -8.75 5.49 -19.92
CA CYS A 404 -7.80 4.75 -19.10
C CYS A 404 -7.98 4.93 -17.59
N LYS A 405 -8.93 5.77 -17.21
CA LYS A 405 -9.27 6.02 -15.80
C LYS A 405 -8.17 6.70 -14.95
N THR A 406 -7.09 7.14 -15.57
CA THR A 406 -6.07 7.88 -14.84
C THR A 406 -6.67 9.18 -14.29
N THR A 407 -6.18 9.61 -13.12
CA THR A 407 -6.67 10.84 -12.51
C THR A 407 -5.92 12.02 -13.13
N CYS A 408 -6.66 12.92 -13.77
CA CYS A 408 -6.03 14.05 -14.45
C CYS A 408 -5.59 15.15 -13.47
N PHE A 409 -4.42 15.73 -13.73
CA PHE A 409 -4.01 16.92 -13.01
C PHE A 409 -3.26 17.92 -13.89
N MET A 410 -2.22 17.47 -14.58
CA MET A 410 -1.46 18.37 -15.45
C MET A 410 -2.31 18.90 -16.61
N SER A 411 -3.05 18.01 -17.28
CA SER A 411 -3.91 18.38 -18.40
C SER A 411 -4.93 17.32 -18.82
N ALA A 412 -5.93 17.78 -19.54
CA ALA A 412 -6.97 16.91 -20.04
C ALA A 412 -7.60 17.57 -21.25
N ILE A 413 -8.34 16.80 -22.04
CA ILE A 413 -9.13 17.34 -23.14
C ILE A 413 -10.61 17.26 -22.80
N SER A 414 -11.34 18.35 -23.03
CA SER A 414 -12.78 18.35 -22.86
C SER A 414 -13.46 18.72 -24.17
N CYS A 415 -14.78 18.64 -24.19
CA CYS A 415 -15.55 18.94 -25.39
C CYS A 415 -16.96 19.34 -24.97
N SER A 416 -17.40 20.52 -25.42
CA SER A 416 -18.76 21.03 -25.13
C SER A 416 -19.84 19.99 -25.47
N CYS A 417 -19.59 19.27 -26.56
CA CYS A 417 -20.31 18.06 -26.93
C CYS A 417 -20.64 17.05 -25.83
N LYS A 418 -19.66 16.73 -24.99
CA LYS A 418 -19.83 15.77 -23.90
C LYS A 418 -19.45 16.40 -22.57
N PRO A 419 -20.34 17.23 -22.00
CA PRO A 419 -20.03 18.07 -20.83
C PRO A 419 -19.64 17.25 -19.61
N GLY A 420 -18.55 17.63 -18.95
CA GLY A 420 -18.10 16.93 -17.76
C GLY A 420 -17.13 15.78 -18.01
N LEU A 421 -17.11 15.22 -19.22
CA LEU A 421 -16.16 14.15 -19.51
C LEU A 421 -14.76 14.68 -19.87
N LEU A 422 -13.72 13.95 -19.48
CA LEU A 422 -12.35 14.34 -19.79
C LEU A 422 -11.63 13.14 -20.36
N VAL A 423 -10.57 13.37 -21.11
CA VAL A 423 -9.60 12.33 -21.43
C VAL A 423 -8.22 12.85 -21.09
N CYS A 424 -7.29 11.96 -20.72
CA CYS A 424 -5.90 12.38 -20.63
C CYS A 424 -5.39 12.59 -22.06
N LEU A 425 -4.18 13.13 -22.19
CA LEU A 425 -3.67 13.48 -23.50
C LEU A 425 -3.25 12.24 -24.31
N HIS A 426 -3.15 11.08 -23.66
CA HIS A 426 -2.88 9.83 -24.37
C HIS A 426 -4.10 9.33 -25.11
N HIS A 427 -5.28 9.82 -24.71
CA HIS A 427 -6.52 9.28 -25.28
C HIS A 427 -7.42 10.36 -25.84
N VAL A 428 -6.82 11.36 -26.49
CA VAL A 428 -7.56 12.42 -27.15
C VAL A 428 -8.62 11.88 -28.13
N LYS A 429 -8.29 10.81 -28.86
CA LYS A 429 -9.22 10.21 -29.81
C LYS A 429 -10.47 9.59 -29.17
N GLU A 430 -10.48 9.43 -27.85
CA GLU A 430 -11.46 8.55 -27.18
C GLU A 430 -12.62 9.25 -26.48
N LEU A 431 -12.76 10.55 -26.69
CA LEU A 431 -13.72 11.36 -25.93
C LEU A 431 -15.12 11.47 -26.55
N CYS A 432 -15.15 11.79 -27.85
CA CYS A 432 -16.41 11.91 -28.60
C CYS A 432 -16.09 11.97 -30.09
N SER A 433 -17.08 12.29 -30.91
CA SER A 433 -16.91 12.23 -32.36
C SER A 433 -16.74 13.60 -33.02
N CYS A 434 -16.86 14.69 -32.26
CA CYS A 434 -16.69 16.03 -32.80
C CYS A 434 -15.30 16.22 -33.41
N PRO A 435 -15.17 17.15 -34.37
CA PRO A 435 -13.86 17.49 -34.95
C PRO A 435 -12.96 18.18 -33.91
N PRO A 436 -11.63 18.16 -34.12
CA PRO A 436 -10.69 18.52 -33.04
C PRO A 436 -10.86 19.95 -32.54
N TYR A 437 -11.37 20.85 -33.38
CA TYR A 437 -11.46 22.25 -33.01
C TYR A 437 -12.58 22.49 -32.00
N LYS A 438 -13.46 21.52 -31.81
CA LYS A 438 -14.45 21.61 -30.74
C LYS A 438 -13.86 21.21 -29.38
N TYR A 439 -12.65 20.67 -29.40
CA TYR A 439 -12.02 20.22 -28.17
C TYR A 439 -11.30 21.39 -27.50
N LYS A 440 -11.03 21.23 -26.22
CA LYS A 440 -10.36 22.24 -25.44
C LYS A 440 -9.29 21.56 -24.58
N LEU A 441 -8.07 22.05 -24.63
CA LEU A 441 -7.06 21.55 -23.71
C LEU A 441 -7.25 22.29 -22.39
N ARG A 442 -7.55 21.54 -21.34
CA ARG A 442 -7.62 22.10 -19.99
CA ARG A 442 -7.62 22.11 -20.01
C ARG A 442 -6.30 21.79 -19.30
N TYR A 443 -5.63 22.82 -18.78
CA TYR A 443 -4.29 22.66 -18.21
C TYR A 443 -4.16 23.31 -16.85
N ARG A 444 -3.38 22.69 -15.98
CA ARG A 444 -3.18 23.24 -14.66
C ARG A 444 -2.16 24.36 -14.69
N TYR A 445 -1.10 24.14 -15.47
CA TYR A 445 0.06 25.03 -15.50
C TYR A 445 0.56 25.21 -16.92
N THR A 446 1.06 26.41 -17.22
CA THR A 446 1.78 26.60 -18.47
C THR A 446 3.22 26.17 -18.22
N LEU A 447 3.97 25.88 -19.27
CA LEU A 447 5.39 25.54 -19.09
C LEU A 447 6.14 26.66 -18.37
N ASP A 448 5.69 27.89 -18.56
CA ASP A 448 6.32 29.04 -17.91
C ASP A 448 6.02 29.13 -16.43
N ASP A 449 4.94 28.48 -15.97
CA ASP A 449 4.70 28.37 -14.52
C ASP A 449 5.62 27.30 -13.92
N LEU A 450 5.87 26.26 -14.72
CA LEU A 450 6.49 25.04 -14.24
C LEU A 450 7.99 25.16 -14.01
N TYR A 451 8.68 25.81 -14.93
CA TYR A 451 10.13 25.95 -14.81
C TYR A 451 10.56 26.77 -13.56
N PRO A 452 9.85 27.87 -13.21
CA PRO A 452 10.12 28.49 -11.90
C PRO A 452 9.89 27.56 -10.70
N MET A 453 8.88 26.69 -10.76
CA MET A 453 8.59 25.78 -9.65
C MET A 453 9.74 24.81 -9.51
N MET A 454 10.25 24.34 -10.64
CA MET A 454 11.39 23.45 -10.61
C MET A 454 12.66 24.17 -10.10
N ASN A 455 12.88 25.41 -10.50
N ASN A 455 12.83 25.41 -10.52
CA ASN A 455 14.04 26.18 -10.04
CA ASN A 455 13.93 26.26 -10.10
C ASN A 455 14.03 26.40 -8.52
C ASN A 455 14.00 26.43 -8.58
N ALA A 456 12.84 26.53 -7.94
CA ALA A 456 12.76 26.64 -6.50
C ALA A 456 13.33 25.37 -5.88
N LEU A 457 13.03 24.22 -6.49
CA LEU A 457 13.53 22.95 -5.97
C LEU A 457 15.06 22.87 -6.08
N LYS A 458 15.60 23.27 -7.23
CA LYS A 458 17.04 23.23 -7.46
C LYS A 458 17.80 24.13 -6.47
N LEU A 459 17.26 25.33 -6.21
CA LEU A 459 17.82 26.23 -5.21
C LEU A 459 17.83 25.59 -3.82
N ARG A 460 16.69 25.05 -3.41
CA ARG A 460 16.56 24.44 -2.11
C ARG A 460 17.51 23.24 -1.94
N ALA A 461 17.82 22.56 -3.05
CA ALA A 461 18.76 21.43 -3.03
C ALA A 461 20.22 21.88 -3.23
N GLU A 462 20.41 23.02 -3.92
CA GLU A 462 21.72 23.67 -4.19
C GLU A 462 22.53 22.89 -5.20
ZN ZN B . -6.36 8.28 -20.65
S DMS C . -1.96 -1.45 4.61
O DMS C . -2.41 -2.24 5.79
C1 DMS C . -0.16 -1.21 4.67
C2 DMS C . -2.54 0.26 4.71
S DMS D . -8.39 -10.53 2.25
O DMS D . -7.28 -11.39 1.69
C1 DMS D . -9.98 -11.41 2.18
C2 DMS D . -8.78 -9.23 1.05
S DMS E . -1.12 -3.32 -10.63
O DMS E . -1.52 -3.44 -9.18
C1 DMS E . -0.86 -4.97 -11.38
C2 DMS E . 0.56 -2.68 -10.73
MN MN F . 0.00 -5.38 2.13
C1 EDO G . -2.48 13.80 -16.65
O1 EDO G . -3.46 14.84 -16.39
C2 EDO G . -1.14 14.08 -15.96
O2 EDO G . -1.28 14.58 -14.60
C1 EDO H . -10.86 -3.69 13.61
O1 EDO H . -9.78 -4.63 13.54
C2 EDO H . -10.24 -2.30 13.73
O2 EDO H . -11.24 -1.31 13.98
C1 EDO I . -1.45 25.69 -23.66
O1 EDO I . -0.38 24.84 -23.16
C2 EDO I . -1.29 27.05 -22.97
O2 EDO I . -0.15 26.96 -22.09
C1 EDO J . 1.65 12.42 -17.68
O1 EDO J . 1.97 12.33 -16.28
C2 EDO J . 2.71 13.26 -18.37
O2 EDO J . 3.13 14.30 -17.48
C1 EDO K . 14.15 -18.43 -3.81
O1 EDO K . 12.93 -19.04 -3.32
C2 EDO K . 15.17 -19.51 -4.19
O2 EDO K . 16.03 -19.05 -5.24
C1 EDO L . -14.56 12.84 -16.23
O1 EDO L . -14.08 11.83 -17.13
C2 EDO L . -15.19 12.22 -14.98
O2 EDO L . -14.20 11.47 -14.27
C1 EDO M . 10.34 -2.81 -9.30
O1 EDO M . 11.60 -3.53 -9.36
C2 EDO M . 9.74 -2.63 -10.69
O2 EDO M . 9.39 -3.90 -11.27
C1 EDO N . -3.79 23.61 -27.15
O1 EDO N . -3.21 22.68 -28.08
C2 EDO N . -3.11 24.96 -27.31
O2 EDO N . -3.32 25.43 -28.66
C1 EDO O . -6.47 -11.43 8.73
O1 EDO O . -6.58 -11.25 7.31
C2 EDO O . -6.75 -10.06 9.35
O2 EDO O . -5.97 -9.78 10.53
C1 EDO P . -5.21 -8.35 -0.26
O1 EDO P . -5.53 -9.47 0.58
C2 EDO P . -5.23 -7.03 0.51
O2 EDO P . -6.47 -6.84 1.22
C01 P60 Q . -5.95 -8.26 4.34
C02 P60 Q . -7.10 -7.62 4.76
C03 P60 Q . -7.19 -6.24 4.68
C04 P60 Q . -6.15 -5.48 4.17
C05 P60 Q . -4.97 -6.11 3.74
C06 P60 Q . -4.90 -7.50 3.82
C07 P60 Q . -3.91 -5.35 3.21
C08 P60 Q . -2.52 -5.53 3.30
C09 P60 Q . -1.76 -6.60 4.05
O10 P60 Q . -0.56 -6.84 3.75
O11 P60 Q . -2.31 -7.27 4.98
N12 P60 Q . -1.92 -4.55 2.59
C13 P60 Q . -2.87 -3.77 2.06
O14 P60 Q . -4.08 -4.25 2.42
F15 P60 Q . -6.29 -4.14 4.12
CL CL R . -10.85 -25.51 1.00
P PO4 S . -4.94 1.74 -24.69
O1 PO4 S . -5.00 0.79 -25.87
O2 PO4 S . -4.05 2.92 -25.04
O3 PO4 S . -6.35 2.22 -24.39
O4 PO4 S . -4.41 1.02 -23.46
#